data_7CMA
#
_entry.id   7CMA
#
_cell.length_a   49.869
_cell.length_b   49.869
_cell.length_c   128.081
_cell.angle_alpha   90.000
_cell.angle_beta   90.000
_cell.angle_gamma   120.000
#
_symmetry.space_group_name_H-M   'P 32'
#
loop_
_entity.id
_entity.type
_entity.pdbx_description
1 polymer A151R
2 non-polymer 'ZINC ION'
3 water water
#
_entity_poly.entity_id   1
_entity_poly.type   'polypeptide(L)'
_entity_poly.pdbx_seq_one_letter_code
;MNKKIIVMMALLHKEKLIECIYHELENGGTILLLTKNIVVSEISYIGNTYKYFTFNDNHDLISKEDLKGATSKNIAKMIY
NWIIKNPQNNKIWSGEPRTQIYFENDLYHTNYNHKCIKDFWNVSTSVGPHIFNDRSIWCTKCTSFYPFTNIMSPNIFQ
;
_entity_poly.pdbx_strand_id   A,C
#
# COMPACT_ATOMS: atom_id res chain seq x y z
N ASN A 2 27.70 20.79 5.34
CA ASN A 2 27.89 21.41 6.69
C ASN A 2 26.91 20.76 7.69
N LYS A 3 27.41 20.39 8.86
CA LYS A 3 26.59 19.78 9.94
C LYS A 3 25.53 20.79 10.40
N LYS A 4 25.90 22.06 10.49
CA LYS A 4 25.00 23.15 10.94
C LYS A 4 23.83 23.26 9.96
N ILE A 5 24.07 23.01 8.67
CA ILE A 5 23.01 23.06 7.62
C ILE A 5 22.11 21.83 7.76
N ILE A 6 22.67 20.67 8.15
CA ILE A 6 21.87 19.42 8.31
C ILE A 6 20.97 19.57 9.54
N VAL A 7 21.48 20.22 10.59
CA VAL A 7 20.72 20.53 11.83
C VAL A 7 19.62 21.54 11.50
N MET A 8 19.96 22.61 10.78
CA MET A 8 19.00 23.67 10.40
C MET A 8 17.87 23.06 9.58
N MET A 9 18.19 22.13 8.67
CA MET A 9 17.20 21.46 7.79
C MET A 9 16.25 20.61 8.64
N ALA A 10 16.77 19.94 9.68
CA ALA A 10 15.96 19.07 10.58
C ALA A 10 15.01 19.92 11.43
N LEU A 11 15.50 21.06 11.94
CA LEU A 11 14.69 21.96 12.80
C LEU A 11 13.63 22.66 11.96
N LEU A 12 13.94 22.94 10.69
CA LEU A 12 12.97 23.54 9.73
C LEU A 12 11.87 22.51 9.40
N HIS A 13 12.26 21.28 9.06
CA HIS A 13 11.29 20.17 8.84
C HIS A 13 10.37 20.03 10.06
N LYS A 14 10.96 20.05 11.27
CA LYS A 14 10.19 19.99 12.55
C LYS A 14 9.16 21.12 12.59
N GLU A 15 9.60 22.36 12.44
CA GLU A 15 8.72 23.55 12.55
C GLU A 15 7.57 23.41 11.54
N LYS A 16 7.86 22.91 10.35
CA LYS A 16 6.86 22.83 9.25
C LYS A 16 5.88 21.68 9.54
N LEU A 17 6.37 20.54 10.04
CA LEU A 17 5.52 19.34 10.31
C LEU A 17 4.63 19.62 11.52
N ILE A 18 5.17 20.27 12.56
CA ILE A 18 4.38 20.68 13.76
C ILE A 18 3.30 21.66 13.32
N GLU A 19 3.63 22.62 12.47
CA GLU A 19 2.65 23.64 11.97
C GLU A 19 1.54 22.91 11.20
N CYS A 20 1.93 21.99 10.32
CA CYS A 20 0.97 21.13 9.56
C CYS A 20 0.04 20.38 10.51
N ILE A 21 0.62 19.69 11.51
CA ILE A 21 -0.19 18.89 12.50
C ILE A 21 -1.08 19.85 13.29
N TYR A 22 -0.53 20.96 13.76
CA TYR A 22 -1.27 21.99 14.55
C TYR A 22 -2.54 22.36 13.80
N HIS A 23 -2.42 22.70 12.52
CA HIS A 23 -3.54 23.19 11.68
C HIS A 23 -4.55 22.06 11.48
N GLU A 24 -4.07 20.83 11.26
CA GLU A 24 -4.92 19.63 11.06
C GLU A 24 -5.74 19.37 12.33
N LEU A 25 -5.12 19.51 13.50
CA LEU A 25 -5.79 19.33 14.82
C LEU A 25 -6.82 20.44 15.05
N GLU A 26 -6.49 21.68 14.65
CA GLU A 26 -7.35 22.87 14.89
C GLU A 26 -8.55 22.83 13.91
N ASN A 27 -8.43 22.09 12.81
CA ASN A 27 -9.47 22.02 11.76
C ASN A 27 -10.39 20.83 12.03
N GLY A 28 -9.83 19.60 12.02
CA GLY A 28 -10.59 18.35 12.06
C GLY A 28 -10.88 17.90 13.48
N GLY A 29 -10.00 18.28 14.42
CA GLY A 29 -10.17 18.01 15.86
C GLY A 29 -9.89 16.57 16.23
N THR A 30 -9.36 15.76 15.31
CA THR A 30 -9.12 14.32 15.59
C THR A 30 -7.98 13.79 14.72
N ILE A 31 -7.06 13.04 15.34
CA ILE A 31 -5.84 12.47 14.70
C ILE A 31 -5.66 11.05 15.21
N LEU A 32 -5.51 10.09 14.29
CA LEU A 32 -5.15 8.69 14.58
C LEU A 32 -3.64 8.51 14.42
N LEU A 33 -3.00 7.89 15.40
CA LEU A 33 -1.55 7.54 15.37
C LEU A 33 -1.40 6.07 14.95
N LEU A 34 -0.66 5.81 13.87
CA LEU A 34 -0.48 4.45 13.31
C LEU A 34 1.00 4.05 13.36
N THR A 35 1.29 2.83 13.82
CA THR A 35 2.64 2.20 13.77
C THR A 35 2.57 0.93 12.91
N LYS A 36 3.28 0.93 11.77
CA LYS A 36 3.18 -0.11 10.71
C LYS A 36 1.71 -0.27 10.30
N ASN A 37 1.01 0.86 10.12
CA ASN A 37 -0.35 0.89 9.52
C ASN A 37 -1.31 0.10 10.42
N ILE A 38 -1.10 0.22 11.74
CA ILE A 38 -2.02 -0.25 12.81
C ILE A 38 -2.27 0.91 13.77
N VAL A 39 -3.52 1.29 13.98
CA VAL A 39 -3.92 2.39 14.91
C VAL A 39 -3.53 1.98 16.33
N VAL A 40 -2.69 2.78 16.99
CA VAL A 40 -2.16 2.49 18.36
C VAL A 40 -2.68 3.55 19.33
N SER A 41 -3.11 4.70 18.82
CA SER A 41 -3.60 5.82 19.67
C SER A 41 -4.55 6.73 18.87
N GLU A 42 -5.20 7.64 19.59
CA GLU A 42 -6.16 8.63 19.03
C GLU A 42 -6.17 9.87 19.93
N ILE A 43 -6.01 11.05 19.33
CA ILE A 43 -6.19 12.35 20.03
C ILE A 43 -7.37 13.07 19.39
N SER A 44 -8.44 13.27 20.16
CA SER A 44 -9.70 13.87 19.67
C SER A 44 -10.17 14.94 20.66
N TYR A 45 -10.58 16.10 20.14
CA TYR A 45 -11.21 17.19 20.92
C TYR A 45 -12.67 16.81 21.21
N ILE A 46 -12.93 16.38 22.44
CA ILE A 46 -14.28 15.99 22.96
C ILE A 46 -14.60 16.87 24.17
N GLY A 47 -15.67 17.68 24.09
CA GLY A 47 -16.07 18.64 25.13
C GLY A 47 -15.31 19.95 25.00
N ASN A 48 -14.41 20.22 25.95
CA ASN A 48 -13.58 21.46 25.99
C ASN A 48 -12.09 21.09 26.14
N THR A 49 -11.76 19.79 26.00
CA THR A 49 -10.36 19.29 26.14
C THR A 49 -10.08 18.22 25.08
N TYR A 50 -8.79 17.99 24.82
CA TYR A 50 -8.29 16.85 24.02
C TYR A 50 -8.20 15.62 24.92
N LYS A 51 -8.62 14.47 24.39
CA LYS A 51 -8.51 13.15 25.07
C LYS A 51 -7.57 12.25 24.28
N TYR A 52 -6.67 11.56 24.98
CA TYR A 52 -5.65 10.65 24.40
C TYR A 52 -6.06 9.20 24.69
N PHE A 53 -6.68 8.54 23.70
CA PHE A 53 -7.08 7.11 23.74
C PHE A 53 -5.91 6.25 23.23
N THR A 54 -5.49 5.27 24.02
CA THR A 54 -4.50 4.24 23.61
C THR A 54 -5.21 2.90 23.42
N PHE A 55 -4.91 2.19 22.32
CA PHE A 55 -5.57 0.93 21.91
C PHE A 55 -4.54 -0.22 22.00
N ASN A 56 -5.04 -1.46 22.11
CA ASN A 56 -4.19 -2.68 21.98
C ASN A 56 -4.33 -3.25 20.56
N ASP A 57 -3.61 -4.34 20.28
CA ASP A 57 -3.55 -4.97 18.93
C ASP A 57 -4.94 -5.48 18.55
N ASN A 58 -5.82 -5.66 19.54
CA ASN A 58 -7.23 -6.12 19.33
C ASN A 58 -8.14 -4.90 19.17
N HIS A 59 -7.55 -3.70 19.06
CA HIS A 59 -8.28 -2.43 18.84
C HIS A 59 -9.23 -2.16 20.01
N ASP A 60 -8.88 -2.63 21.21
CA ASP A 60 -9.61 -2.34 22.47
C ASP A 60 -9.05 -1.08 23.12
N LEU A 61 -9.92 -0.14 23.48
CA LEU A 61 -9.57 1.02 24.35
C LEU A 61 -8.96 0.50 25.65
N ILE A 62 -7.68 0.79 25.89
CA ILE A 62 -6.88 0.27 27.04
C ILE A 62 -6.58 1.43 27.99
N SER A 63 -6.78 2.67 27.52
CA SER A 63 -6.50 3.92 28.29
C SER A 63 -7.33 5.08 27.74
N LYS A 64 -7.67 6.04 28.60
CA LYS A 64 -8.30 7.33 28.22
C LYS A 64 -7.77 8.43 29.15
N GLU A 65 -7.05 9.39 28.60
CA GLU A 65 -6.37 10.45 29.40
C GLU A 65 -6.90 11.83 28.96
N ASP A 66 -7.50 12.57 29.89
CA ASP A 66 -7.86 13.99 29.69
C ASP A 66 -6.58 14.82 29.72
N LEU A 67 -6.15 15.32 28.55
CA LEU A 67 -4.94 16.15 28.39
C LEU A 67 -5.18 17.53 29.02
N LYS A 68 -6.41 17.80 29.44
CA LYS A 68 -6.80 19.01 30.22
C LYS A 68 -6.32 20.27 29.47
N GLY A 69 -5.32 20.96 30.02
CA GLY A 69 -4.90 22.31 29.56
C GLY A 69 -4.10 22.24 28.27
N ALA A 70 -3.65 21.04 27.89
CA ALA A 70 -2.79 20.79 26.72
C ALA A 70 -3.34 21.53 25.51
N THR A 71 -2.52 22.40 24.91
CA THR A 71 -2.85 23.19 23.69
C THR A 71 -2.64 22.32 22.45
N SER A 72 -3.28 22.70 21.34
CA SER A 72 -3.09 22.09 20.00
C SER A 72 -1.61 22.11 19.60
N LYS A 73 -0.91 23.22 19.88
CA LYS A 73 0.52 23.39 19.49
C LYS A 73 1.39 22.42 20.30
N ASN A 74 1.10 22.27 21.60
CA ASN A 74 1.87 21.38 22.49
C ASN A 74 1.61 19.92 22.09
N ILE A 75 0.37 19.61 21.69
CA ILE A 75 0.02 18.23 21.23
C ILE A 75 0.74 17.95 19.91
N ALA A 76 0.73 18.93 18.99
CA ALA A 76 1.44 18.83 17.70
C ALA A 76 2.90 18.45 17.93
N LYS A 77 3.55 19.07 18.93
CA LYS A 77 4.98 18.83 19.27
C LYS A 77 5.14 17.40 19.81
N MET A 78 4.24 16.96 20.69
CA MET A 78 4.22 15.57 21.25
C MET A 78 4.09 14.57 20.10
N ILE A 79 3.23 14.87 19.12
CA ILE A 79 2.99 13.96 17.96
C ILE A 79 4.23 13.93 17.06
N TYR A 80 4.91 15.07 16.86
CA TYR A 80 6.18 15.12 16.08
C TYR A 80 7.26 14.31 16.80
N ASN A 81 7.35 14.43 18.12
CA ASN A 81 8.39 13.74 18.94
C ASN A 81 8.21 12.23 18.81
N TRP A 82 6.95 11.77 18.71
CA TRP A 82 6.58 10.36 18.48
C TRP A 82 7.02 9.93 17.06
N ILE A 83 6.74 10.77 16.06
CA ILE A 83 7.05 10.45 14.63
C ILE A 83 8.57 10.30 14.49
N ILE A 84 9.33 11.31 14.91
CA ILE A 84 10.75 11.49 14.52
C ILE A 84 11.60 10.37 15.13
N LYS A 85 11.08 9.68 16.14
CA LYS A 85 11.77 8.56 16.85
C LYS A 85 11.81 7.33 15.94
N ASN A 86 10.81 7.18 15.08
CA ASN A 86 10.61 5.97 14.25
C ASN A 86 9.91 6.36 12.95
N PRO A 87 10.53 7.23 12.11
CA PRO A 87 9.79 7.96 11.09
C PRO A 87 9.30 7.07 9.94
N GLN A 88 9.83 5.86 9.82
CA GLN A 88 9.54 4.92 8.71
C GLN A 88 8.28 4.10 9.03
N ASN A 89 7.81 4.15 10.28
CA ASN A 89 6.70 3.24 10.73
C ASN A 89 5.60 4.06 11.39
N ASN A 90 5.89 5.28 11.83
CA ASN A 90 4.95 6.13 12.62
C ASN A 90 4.32 7.17 11.70
N LYS A 91 3.04 7.01 11.39
CA LYS A 91 2.27 7.92 10.52
C LYS A 91 1.00 8.35 11.25
N ILE A 92 0.38 9.44 10.81
CA ILE A 92 -0.85 9.95 11.46
C ILE A 92 -1.94 10.12 10.41
N TRP A 93 -3.18 9.87 10.80
CA TRP A 93 -4.38 10.17 9.98
C TRP A 93 -5.15 11.33 10.62
N SER A 94 -5.43 12.39 9.86
CA SER A 94 -6.22 13.53 10.39
C SER A 94 -7.64 13.49 9.81
N GLY A 95 -8.64 13.64 10.68
CA GLY A 95 -10.06 13.82 10.29
C GLY A 95 -10.85 12.54 10.46
N GLU A 96 -12.11 12.54 10.01
CA GLU A 96 -13.01 11.35 10.03
C GLU A 96 -12.28 10.16 9.39
N PRO A 97 -12.19 9.01 10.08
CA PRO A 97 -11.42 7.87 9.57
C PRO A 97 -11.91 7.37 8.21
N ARG A 98 -13.19 7.62 7.89
CA ARG A 98 -13.84 7.03 6.69
C ARG A 98 -13.68 7.97 5.50
N THR A 99 -13.26 7.42 4.35
CA THR A 99 -13.14 8.17 3.07
C THR A 99 -13.89 7.40 1.98
N GLN A 100 -14.69 8.11 1.19
CA GLN A 100 -15.39 7.56 0.01
C GLN A 100 -14.39 7.42 -1.14
N ILE A 101 -14.19 6.20 -1.63
CA ILE A 101 -13.20 5.88 -2.69
C ILE A 101 -13.88 5.07 -3.79
N TYR A 102 -13.39 5.18 -5.02
CA TYR A 102 -13.91 4.44 -6.19
C TYR A 102 -12.74 4.02 -7.08
N PHE A 103 -12.73 2.76 -7.51
CA PHE A 103 -11.69 2.20 -8.42
C PHE A 103 -12.12 2.42 -9.87
N GLU A 104 -11.18 2.86 -10.71
CA GLU A 104 -11.39 3.06 -12.18
C GLU A 104 -10.04 3.30 -12.85
N ASN A 105 -9.80 2.64 -13.99
CA ASN A 105 -8.59 2.81 -14.83
C ASN A 105 -7.33 2.59 -13.98
N ASP A 106 -7.32 1.52 -13.18
CA ASP A 106 -6.12 1.04 -12.43
C ASP A 106 -5.66 2.15 -11.47
N LEU A 107 -6.57 3.05 -11.08
CA LEU A 107 -6.32 4.11 -10.07
C LEU A 107 -7.49 4.16 -9.08
N TYR A 108 -7.21 4.53 -7.83
CA TYR A 108 -8.24 4.75 -6.79
C TYR A 108 -8.49 6.25 -6.66
N HIS A 109 -9.76 6.64 -6.55
CA HIS A 109 -10.11 8.07 -6.64
C HIS A 109 -10.86 8.60 -5.42
N THR A 110 -10.59 9.85 -5.07
CA THR A 110 -11.31 10.54 -3.97
C THR A 110 -12.25 11.61 -4.57
N ASN A 111 -11.90 12.12 -5.75
CA ASN A 111 -12.60 13.24 -6.43
C ASN A 111 -12.37 14.54 -5.65
N TYR A 112 -11.32 14.62 -4.83
CA TYR A 112 -11.01 15.81 -3.99
C TYR A 112 -10.61 16.99 -4.88
N ASN A 113 -9.57 16.82 -5.70
CA ASN A 113 -8.92 17.95 -6.43
C ASN A 113 -9.36 17.96 -7.90
N HIS A 114 -10.24 17.03 -8.29
CA HIS A 114 -10.75 16.95 -9.69
C HIS A 114 -11.90 15.96 -9.69
N LYS A 115 -12.97 16.27 -10.42
CA LYS A 115 -14.13 15.36 -10.49
C LYS A 115 -13.83 14.26 -11.52
N CYS A 116 -13.03 13.27 -11.12
CA CYS A 116 -12.66 12.16 -12.02
C CYS A 116 -13.87 11.24 -12.20
N ILE A 117 -14.68 11.09 -11.15
CA ILE A 117 -15.81 10.11 -11.17
C ILE A 117 -17.17 10.83 -11.11
N LYS A 118 -18.13 10.40 -11.91
CA LYS A 118 -19.51 10.96 -11.91
C LYS A 118 -20.42 10.08 -11.03
N ASP A 119 -21.46 10.69 -10.44
CA ASP A 119 -22.32 10.06 -9.41
C ASP A 119 -21.43 9.41 -8.34
N PHE A 120 -20.26 10.01 -8.10
CA PHE A 120 -19.23 9.48 -7.15
C PHE A 120 -19.89 9.15 -5.81
N TRP A 121 -20.76 10.04 -5.32
CA TRP A 121 -21.34 9.95 -3.96
C TRP A 121 -22.11 8.63 -3.80
N ASN A 122 -22.56 8.04 -4.91
CA ASN A 122 -23.49 6.87 -4.89
C ASN A 122 -22.76 5.63 -5.40
N VAL A 123 -21.69 5.83 -6.18
CA VAL A 123 -20.93 4.70 -6.82
C VAL A 123 -19.68 4.39 -5.97
N SER A 124 -19.40 5.21 -4.96
CA SER A 124 -18.19 5.12 -4.10
C SER A 124 -18.44 4.15 -2.94
N THR A 125 -17.37 3.76 -2.23
CA THR A 125 -17.43 2.90 -1.03
C THR A 125 -16.70 3.59 0.13
N SER A 126 -17.32 3.60 1.31
CA SER A 126 -16.73 4.13 2.57
C SER A 126 -15.68 3.16 3.09
N VAL A 127 -14.47 3.65 3.33
CA VAL A 127 -13.26 2.79 3.53
C VAL A 127 -12.37 3.48 4.58
N GLY A 128 -11.75 2.67 5.44
CA GLY A 128 -10.88 3.13 6.54
C GLY A 128 -9.60 3.76 6.01
N PRO A 129 -8.74 4.30 6.90
CA PRO A 129 -7.55 5.04 6.47
C PRO A 129 -6.44 4.18 5.83
N HIS A 130 -6.42 2.87 6.09
CA HIS A 130 -5.20 2.03 5.94
C HIS A 130 -4.74 2.01 4.48
N ILE A 131 -5.67 2.09 3.52
CA ILE A 131 -5.37 1.94 2.07
C ILE A 131 -4.55 3.15 1.58
N PHE A 132 -4.53 4.25 2.35
CA PHE A 132 -3.81 5.49 1.95
C PHE A 132 -2.33 5.39 2.31
N ASN A 133 -1.94 4.31 3.00
CA ASN A 133 -0.53 4.06 3.41
C ASN A 133 0.36 3.99 2.16
N ASP A 134 -0.09 3.33 1.09
CA ASP A 134 0.66 3.23 -0.20
C ASP A 134 0.10 4.28 -1.18
N ARG A 135 0.88 5.33 -1.46
CA ARG A 135 0.43 6.51 -2.26
C ARG A 135 0.42 6.15 -3.75
N SER A 136 1.13 5.09 -4.12
CA SER A 136 1.30 4.66 -5.53
C SER A 136 -0.01 4.30 -6.24
N ILE A 137 -1.04 3.90 -5.49
CA ILE A 137 -2.28 3.41 -6.13
C ILE A 137 -3.28 4.55 -6.29
N TRP A 138 -2.92 5.76 -5.86
CA TRP A 138 -3.89 6.89 -5.82
C TRP A 138 -3.77 7.82 -7.04
N CYS A 139 -4.92 8.21 -7.61
CA CYS A 139 -4.96 9.11 -8.80
C CYS A 139 -4.34 10.46 -8.46
N THR A 140 -3.35 10.89 -9.24
CA THR A 140 -2.61 12.14 -8.92
C THR A 140 -3.40 13.37 -9.35
N LYS A 141 -4.52 13.18 -10.05
CA LYS A 141 -5.34 14.30 -10.52
C LYS A 141 -6.34 14.70 -9.45
N CYS A 142 -6.93 13.73 -8.76
CA CYS A 142 -7.97 14.05 -7.76
C CYS A 142 -7.47 13.85 -6.32
N THR A 143 -6.36 13.14 -6.15
CA THR A 143 -5.91 12.82 -4.77
C THR A 143 -4.52 13.41 -4.54
N SER A 144 -4.43 14.37 -3.63
CA SER A 144 -3.12 14.99 -3.30
C SER A 144 -2.75 14.66 -1.85
N PHE A 145 -1.46 14.66 -1.56
CA PHE A 145 -1.03 14.42 -0.17
C PHE A 145 0.01 15.46 0.25
N TYR A 146 0.09 15.80 1.54
CA TYR A 146 1.17 16.65 2.09
C TYR A 146 2.52 16.07 1.65
N PRO A 147 3.54 16.92 1.38
CA PRO A 147 4.88 16.43 1.08
C PRO A 147 5.44 15.53 2.21
N PHE A 148 4.90 15.68 3.43
CA PHE A 148 5.31 14.89 4.63
C PHE A 148 4.78 13.45 4.49
N THR A 149 5.66 12.47 4.38
CA THR A 149 5.32 11.03 4.22
C THR A 149 4.64 10.51 5.49
N ASN A 150 4.77 11.23 6.61
CA ASN A 150 4.26 10.76 7.93
C ASN A 150 2.80 11.20 8.11
N ILE A 151 2.25 11.98 7.19
CA ILE A 151 0.80 12.32 7.19
C ILE A 151 0.11 11.49 6.11
N MET A 152 -0.60 10.45 6.52
CA MET A 152 -1.21 9.45 5.61
C MET A 152 -2.41 10.10 4.90
N SER A 153 -3.17 10.92 5.64
CA SER A 153 -4.47 11.51 5.20
C SER A 153 -4.23 12.42 4.00
N PRO A 154 -5.03 12.30 2.92
CA PRO A 154 -4.97 13.26 1.82
C PRO A 154 -5.14 14.71 2.30
N ASN A 155 -4.33 15.62 1.74
CA ASN A 155 -4.45 17.09 1.91
C ASN A 155 -5.77 17.56 1.28
N ILE A 156 -6.76 17.89 2.12
CA ILE A 156 -8.16 18.24 1.72
C ILE A 156 -8.93 16.95 1.43
N ASN B 2 29.63 -16.75 8.14
CA ASN B 2 30.51 -17.30 7.06
C ASN B 2 30.00 -16.81 5.69
N LYS B 3 30.90 -16.34 4.84
CA LYS B 3 30.57 -15.83 3.48
C LYS B 3 29.93 -16.95 2.66
N LYS B 4 30.47 -18.17 2.76
CA LYS B 4 30.00 -19.36 1.99
C LYS B 4 28.55 -19.66 2.39
N ILE B 5 28.18 -19.39 3.64
CA ILE B 5 26.78 -19.61 4.14
C ILE B 5 25.88 -18.50 3.58
N ILE B 6 26.40 -17.28 3.45
CA ILE B 6 25.60 -16.13 2.90
C ILE B 6 25.37 -16.39 1.40
N VAL B 7 26.38 -16.93 0.71
CA VAL B 7 26.29 -17.28 -0.74
C VAL B 7 25.30 -18.45 -0.90
N MET B 8 25.42 -19.49 -0.07
CA MET B 8 24.54 -20.67 -0.12
C MET B 8 23.09 -20.24 0.10
N MET B 9 22.86 -19.30 1.01
CA MET B 9 21.51 -18.77 1.35
C MET B 9 20.93 -18.03 0.14
N ALA B 10 21.76 -17.26 -0.58
CA ALA B 10 21.32 -16.48 -1.77
C ALA B 10 21.00 -17.44 -2.93
N LEU B 11 21.81 -18.48 -3.14
CA LEU B 11 21.59 -19.46 -4.24
C LEU B 11 20.35 -20.30 -3.92
N LEU B 12 20.08 -20.54 -2.64
CA LEU B 12 18.89 -21.32 -2.21
C LEU B 12 17.62 -20.47 -2.41
N HIS B 13 17.67 -19.19 -2.03
CA HIS B 13 16.56 -18.23 -2.28
C HIS B 13 16.28 -18.15 -3.79
N LYS B 14 17.34 -18.06 -4.60
CA LYS B 14 17.24 -18.08 -6.09
C LYS B 14 16.46 -19.32 -6.53
N GLU B 15 16.94 -20.51 -6.16
CA GLU B 15 16.37 -21.80 -6.60
C GLU B 15 14.88 -21.84 -6.20
N LYS B 16 14.55 -21.36 -5.00
CA LYS B 16 13.17 -21.42 -4.47
C LYS B 16 12.29 -20.41 -5.24
N LEU B 17 12.82 -19.22 -5.54
CA LEU B 17 12.01 -18.14 -6.16
C LEU B 17 11.81 -18.45 -7.65
N ILE B 18 12.83 -19.00 -8.32
CA ILE B 18 12.71 -19.48 -9.72
C ILE B 18 11.66 -20.59 -9.78
N GLU B 19 11.72 -21.55 -8.85
CA GLU B 19 10.77 -22.71 -8.83
C GLU B 19 9.35 -22.18 -8.62
N CYS B 20 9.19 -21.23 -7.70
CA CYS B 20 7.89 -20.55 -7.45
C CYS B 20 7.39 -19.89 -8.74
N ILE B 21 8.24 -19.08 -9.40
CA ILE B 21 7.87 -18.37 -10.66
C ILE B 21 7.54 -19.41 -11.74
N TYR B 22 8.39 -20.43 -11.88
CA TYR B 22 8.24 -21.51 -12.89
C TYR B 22 6.82 -22.09 -12.78
N HIS B 23 6.40 -22.44 -11.56
CA HIS B 23 5.09 -23.08 -11.29
C HIS B 23 3.96 -22.10 -11.62
N GLU B 24 4.11 -20.84 -11.21
CA GLU B 24 3.11 -19.77 -11.46
C GLU B 24 2.91 -19.61 -12.97
N LEU B 25 4.00 -19.63 -13.74
CA LEU B 25 3.96 -19.46 -15.21
C LEU B 25 3.31 -20.71 -15.85
N GLU B 26 3.60 -21.90 -15.33
CA GLU B 26 3.09 -23.18 -15.90
C GLU B 26 1.61 -23.34 -15.56
N ASN B 27 1.14 -22.64 -14.51
CA ASN B 27 -0.28 -22.67 -14.08
C ASN B 27 -1.06 -21.62 -14.87
N GLY B 28 -0.86 -20.34 -14.55
CA GLY B 28 -1.71 -19.23 -15.01
C GLY B 28 -1.33 -18.76 -16.41
N GLY B 29 -0.07 -18.96 -16.78
CA GLY B 29 0.46 -18.68 -18.14
C GLY B 29 0.66 -17.20 -18.40
N THR B 30 0.57 -16.35 -17.37
CA THR B 30 0.73 -14.88 -17.55
C THR B 30 1.31 -14.25 -16.29
N ILE B 31 2.29 -13.35 -16.48
CA ILE B 31 3.02 -12.64 -15.38
C ILE B 31 3.21 -11.18 -15.81
N LEU B 32 2.79 -10.26 -14.94
CA LEU B 32 3.08 -8.81 -15.07
C LEU B 32 4.34 -8.47 -14.27
N LEU B 33 5.26 -7.73 -14.88
CA LEU B 33 6.48 -7.20 -14.22
C LEU B 33 6.23 -5.74 -13.83
N LEU B 34 6.34 -5.43 -12.53
CA LEU B 34 6.08 -4.06 -11.99
C LEU B 34 7.37 -3.49 -11.39
N THR B 35 7.67 -2.22 -11.70
CA THR B 35 8.76 -1.44 -11.08
C THR B 35 8.15 -0.22 -10.37
N LYS B 36 8.29 -0.17 -9.03
CA LYS B 36 7.60 0.81 -8.14
C LYS B 36 6.10 0.77 -8.43
N ASN B 37 5.53 -0.45 -8.50
CA ASN B 37 4.06 -0.67 -8.59
C ASN B 37 3.54 0.02 -9.85
N ILE B 38 4.32 -0.03 -10.94
CA ILE B 38 3.91 0.37 -12.32
C ILE B 38 4.25 -0.77 -13.27
N VAL B 39 3.26 -1.31 -13.98
CA VAL B 39 3.45 -2.39 -14.98
C VAL B 39 4.38 -1.90 -16.08
N VAL B 40 5.52 -2.58 -16.28
CA VAL B 40 6.55 -2.16 -17.27
C VAL B 40 6.68 -3.25 -18.34
N SER B 41 6.23 -4.47 -18.04
CA SER B 41 6.33 -5.60 -19.00
C SER B 41 5.26 -6.66 -18.70
N GLU B 42 5.11 -7.62 -19.62
CA GLU B 42 4.15 -8.74 -19.52
C GLU B 42 4.72 -9.95 -20.28
N ILE B 43 4.74 -11.11 -19.63
CA ILE B 43 5.06 -12.40 -20.32
C ILE B 43 3.82 -13.29 -20.24
N SER B 44 3.24 -13.61 -21.40
CA SER B 44 1.99 -14.39 -21.49
C SER B 44 2.14 -15.48 -22.55
N TYR B 45 1.68 -16.69 -22.24
CA TYR B 45 1.64 -17.82 -23.20
C TYR B 45 0.44 -17.64 -24.13
N ILE B 46 0.71 -17.18 -25.36
CA ILE B 46 -0.31 -16.96 -26.44
C ILE B 46 0.03 -17.89 -27.61
N GLY B 47 -0.86 -18.84 -27.93
CA GLY B 47 -0.65 -19.84 -28.99
C GLY B 47 0.18 -21.01 -28.51
N ASN B 48 1.42 -21.12 -28.98
CA ASN B 48 2.35 -22.23 -28.63
C ASN B 48 3.68 -21.66 -28.11
N THR B 49 3.74 -20.33 -27.87
CA THR B 49 4.96 -19.64 -27.39
C THR B 49 4.59 -18.58 -26.34
N TYR B 50 5.56 -18.23 -25.50
CA TYR B 50 5.50 -17.05 -24.61
C TYR B 50 5.85 -15.80 -25.42
N LYS B 51 5.13 -14.70 -25.17
CA LYS B 51 5.37 -13.38 -25.80
C LYS B 51 5.72 -12.36 -24.71
N TYR B 52 6.74 -11.53 -24.97
CA TYR B 52 7.26 -10.51 -24.03
C TYR B 52 6.83 -9.12 -24.51
N PHE B 53 5.79 -8.56 -23.88
CA PHE B 53 5.24 -7.21 -24.15
C PHE B 53 5.90 -6.21 -23.21
N THR B 54 6.56 -5.19 -23.76
CA THR B 54 7.11 -4.05 -22.98
C THR B 54 6.22 -2.82 -23.18
N PHE B 55 5.87 -2.15 -22.08
CA PHE B 55 4.95 -0.98 -22.07
C PHE B 55 5.75 0.29 -21.74
N ASN B 56 5.18 1.46 -22.07
CA ASN B 56 5.72 2.77 -21.60
C ASN B 56 4.88 3.27 -20.42
N ASP B 57 5.22 4.46 -19.89
CA ASP B 57 4.58 5.03 -18.68
C ASP B 57 3.11 5.34 -18.98
N ASN B 58 2.76 5.45 -20.26
CA ASN B 58 1.36 5.69 -20.71
C ASN B 58 0.66 4.35 -21.00
N HIS B 59 1.28 3.25 -20.55
CA HIS B 59 0.69 1.89 -20.66
C HIS B 59 0.45 1.52 -22.13
N ASP B 60 1.26 2.06 -23.04
CA ASP B 60 1.21 1.73 -24.50
C ASP B 60 2.19 0.58 -24.78
N LEU B 61 1.70 -0.49 -25.42
CA LEU B 61 2.54 -1.56 -26.00
C LEU B 61 3.58 -0.93 -26.93
N ILE B 62 4.85 -0.95 -26.51
CA ILE B 62 5.99 -0.32 -27.24
C ILE B 62 6.80 -1.42 -27.93
N SER B 63 6.56 -2.69 -27.54
CA SER B 63 7.32 -3.86 -28.05
C SER B 63 6.50 -5.14 -27.88
N LYS B 64 6.72 -6.12 -28.76
CA LYS B 64 6.18 -7.51 -28.64
C LYS B 64 7.21 -8.47 -29.22
N GLU B 65 7.75 -9.37 -28.39
CA GLU B 65 8.84 -10.30 -28.79
C GLU B 65 8.37 -11.74 -28.58
N ASP B 66 8.25 -12.51 -29.68
CA ASP B 66 8.05 -13.98 -29.61
C ASP B 66 9.31 -14.61 -29.03
N LEU B 67 9.23 -15.10 -27.79
CA LEU B 67 10.36 -15.76 -27.09
C LEU B 67 10.64 -17.12 -27.74
N LYS B 68 9.75 -17.54 -28.67
CA LYS B 68 9.93 -18.74 -29.53
C LYS B 68 10.18 -19.98 -28.65
N GLY B 69 11.41 -20.49 -28.62
CA GLY B 69 11.76 -21.77 -27.98
C GLY B 69 11.88 -21.63 -26.47
N ALA B 70 11.90 -20.40 -25.97
CA ALA B 70 12.12 -20.09 -24.54
C ALA B 70 11.21 -20.97 -23.68
N THR B 71 11.81 -21.71 -22.74
CA THR B 71 11.10 -22.58 -21.77
C THR B 71 10.63 -21.74 -20.58
N SER B 72 9.64 -22.24 -19.83
CA SER B 72 9.11 -21.59 -18.60
C SER B 72 10.22 -21.45 -17.55
N LYS B 73 11.10 -22.45 -17.44
CA LYS B 73 12.22 -22.45 -16.45
C LYS B 73 13.22 -21.38 -16.84
N ASN B 74 13.54 -21.26 -18.14
CA ASN B 74 14.50 -20.25 -18.66
C ASN B 74 13.92 -18.85 -18.46
N ILE B 75 12.60 -18.71 -18.62
CA ILE B 75 11.91 -17.39 -18.44
C ILE B 75 11.86 -17.07 -16.94
N ALA B 76 11.56 -18.06 -16.10
CA ALA B 76 11.60 -17.90 -14.63
C ALA B 76 12.97 -17.34 -14.20
N LYS B 77 14.05 -17.85 -14.79
CA LYS B 77 15.44 -17.42 -14.47
C LYS B 77 15.63 -15.97 -14.89
N MET B 78 15.17 -15.59 -16.09
CA MET B 78 15.23 -14.21 -16.63
C MET B 78 14.47 -13.26 -15.71
N ILE B 79 13.31 -13.70 -15.19
CA ILE B 79 12.47 -12.89 -14.27
C ILE B 79 13.19 -12.75 -12.93
N TYR B 80 13.85 -13.80 -12.44
CA TYR B 80 14.64 -13.73 -11.19
C TYR B 80 15.79 -12.72 -11.35
N ASN B 81 16.48 -12.77 -12.50
CA ASN B 81 17.68 -11.91 -12.76
C ASN B 81 17.24 -10.45 -12.78
N TRP B 82 16.05 -10.16 -13.31
CA TRP B 82 15.42 -8.81 -13.29
C TRP B 82 15.12 -8.39 -11.85
N ILE B 83 14.52 -9.29 -11.05
CA ILE B 83 14.14 -8.98 -9.64
C ILE B 83 15.40 -8.65 -8.83
N ILE B 84 16.41 -9.54 -8.87
CA ILE B 84 17.52 -9.53 -7.87
C ILE B 84 18.42 -8.31 -8.11
N LYS B 85 18.29 -7.66 -9.27
CA LYS B 85 19.03 -6.43 -9.64
C LYS B 85 18.51 -5.24 -8.82
N ASN B 86 17.21 -5.26 -8.49
CA ASN B 86 16.52 -4.10 -7.87
C ASN B 86 15.38 -4.63 -7.00
N PRO B 87 15.68 -5.43 -5.96
CA PRO B 87 14.68 -6.30 -5.33
C PRO B 87 13.61 -5.52 -4.56
N GLN B 88 13.89 -4.26 -4.22
CA GLN B 88 12.99 -3.42 -3.38
C GLN B 88 11.89 -2.81 -4.26
N ASN B 89 12.08 -2.80 -5.59
CA ASN B 89 11.20 -2.02 -6.49
C ASN B 89 10.59 -2.96 -7.56
N ASN B 90 11.20 -4.12 -7.81
CA ASN B 90 10.82 -5.03 -8.91
C ASN B 90 10.00 -6.18 -8.35
N LYS B 91 8.69 -6.18 -8.62
CA LYS B 91 7.75 -7.23 -8.17
C LYS B 91 7.02 -7.80 -9.38
N ILE B 92 6.39 -8.96 -9.22
CA ILE B 92 5.67 -9.63 -10.35
C ILE B 92 4.25 -9.97 -9.88
N TRP B 93 3.29 -9.87 -10.80
CA TRP B 93 1.91 -10.34 -10.59
C TRP B 93 1.65 -11.56 -11.48
N SER B 94 1.23 -12.68 -10.88
CA SER B 94 0.89 -13.90 -11.65
C SER B 94 -0.63 -14.03 -11.79
N GLY B 95 -1.08 -14.30 -13.02
CA GLY B 95 -2.47 -14.68 -13.32
C GLY B 95 -3.30 -13.48 -13.78
N GLU B 96 -4.60 -13.68 -13.94
CA GLU B 96 -5.58 -12.62 -14.32
C GLU B 96 -5.32 -11.37 -13.48
N PRO B 97 -5.10 -10.20 -14.11
CA PRO B 97 -4.81 -8.97 -13.38
C PRO B 97 -5.93 -8.59 -12.39
N ARG B 98 -7.17 -8.99 -12.69
CA ARG B 98 -8.37 -8.53 -11.93
C ARG B 98 -8.64 -9.50 -10.77
N THR B 99 -8.81 -8.97 -9.57
CA THR B 99 -9.19 -9.71 -8.34
C THR B 99 -10.45 -9.09 -7.74
N GLN B 100 -11.41 -9.93 -7.38
CA GLN B 100 -12.64 -9.50 -6.65
C GLN B 100 -12.29 -9.25 -5.19
N ILE B 101 -12.48 -8.02 -4.72
CA ILE B 101 -12.10 -7.59 -3.34
C ILE B 101 -13.32 -6.93 -2.68
N TYR B 102 -13.40 -7.04 -1.35
CA TYR B 102 -14.47 -6.41 -0.54
C TYR B 102 -13.86 -5.88 0.76
N PHE B 103 -14.23 -4.64 1.13
CA PHE B 103 -13.77 -4.00 2.39
C PHE B 103 -14.77 -4.31 3.50
N GLU B 104 -14.26 -4.64 4.69
CA GLU B 104 -15.08 -4.89 5.90
C GLU B 104 -14.16 -4.97 7.13
N ASN B 105 -14.55 -4.31 8.23
CA ASN B 105 -13.85 -4.36 9.55
C ASN B 105 -12.38 -3.94 9.35
N ASP B 106 -12.15 -2.85 8.60
CA ASP B 106 -10.82 -2.21 8.46
C ASP B 106 -9.85 -3.21 7.83
N LEU B 107 -10.37 -4.15 7.06
CA LEU B 107 -9.54 -5.15 6.36
C LEU B 107 -10.09 -5.36 4.96
N TYR B 108 -9.25 -5.72 4.00
CA TYR B 108 -9.71 -6.02 2.62
C TYR B 108 -9.72 -7.54 2.47
N HIS B 109 -10.72 -8.09 1.76
CA HIS B 109 -10.90 -9.57 1.72
C HIS B 109 -10.91 -10.13 0.31
N THR B 110 -10.38 -11.34 0.14
CA THR B 110 -10.41 -12.03 -1.18
C THR B 110 -11.29 -13.28 -1.05
N ASN B 111 -11.53 -13.74 0.17
CA ASN B 111 -12.33 -14.97 0.43
C ASN B 111 -11.61 -16.21 -0.11
N TYR B 112 -10.28 -16.15 -0.23
CA TYR B 112 -9.48 -17.26 -0.82
C TYR B 112 -9.36 -18.41 0.19
N ASN B 113 -8.78 -18.13 1.36
CA ASN B 113 -8.45 -19.19 2.36
C ASN B 113 -9.51 -19.29 3.45
N HIS B 114 -10.63 -18.58 3.26
CA HIS B 114 -11.72 -18.54 4.28
C HIS B 114 -12.88 -17.72 3.70
N LYS B 115 -14.12 -18.18 3.90
CA LYS B 115 -15.31 -17.41 3.46
C LYS B 115 -15.53 -16.29 4.46
N CYS B 116 -14.75 -15.21 4.37
CA CYS B 116 -14.89 -14.10 5.33
C CYS B 116 -16.18 -13.36 4.99
N ILE B 117 -16.51 -13.21 3.71
CA ILE B 117 -17.69 -12.42 3.30
C ILE B 117 -18.78 -13.28 2.66
N LYS B 118 -20.06 -12.92 2.89
CA LYS B 118 -21.21 -13.66 2.31
C LYS B 118 -21.65 -12.97 1.02
N ASP B 119 -22.30 -13.70 0.10
CA ASP B 119 -22.66 -13.21 -1.26
C ASP B 119 -21.50 -12.41 -1.83
N PHE B 120 -20.27 -12.82 -1.50
CA PHE B 120 -19.01 -12.13 -1.90
C PHE B 120 -19.03 -11.86 -3.40
N TRP B 121 -19.50 -12.83 -4.19
CA TRP B 121 -19.44 -12.78 -5.68
C TRP B 121 -20.19 -11.54 -6.19
N ASN B 122 -21.14 -11.03 -5.41
CA ASN B 122 -22.08 -9.97 -5.88
C ASN B 122 -21.80 -8.67 -5.12
N VAL B 123 -21.25 -8.77 -3.91
CA VAL B 123 -20.99 -7.58 -3.03
C VAL B 123 -19.56 -7.08 -3.25
N SER B 124 -18.76 -7.83 -4.04
CA SER B 124 -17.32 -7.56 -4.27
C SER B 124 -17.14 -6.62 -5.47
N THR B 125 -15.92 -6.07 -5.64
CA THR B 125 -15.54 -5.19 -6.78
C THR B 125 -14.27 -5.76 -7.45
N SER B 126 -14.28 -5.83 -8.78
CA SER B 126 -13.12 -6.25 -9.61
C SER B 126 -12.09 -5.13 -9.65
N VAL B 127 -10.83 -5.44 -9.36
CA VAL B 127 -9.80 -4.42 -9.04
C VAL B 127 -8.44 -4.93 -9.55
N GLY B 128 -7.62 -4.01 -10.07
CA GLY B 128 -6.29 -4.33 -10.65
C GLY B 128 -5.33 -4.84 -9.58
N PRO B 129 -4.08 -5.19 -9.95
CA PRO B 129 -3.13 -5.78 -9.01
C PRO B 129 -2.58 -4.80 -7.96
N HIS B 130 -2.59 -3.49 -8.25
CA HIS B 130 -1.69 -2.50 -7.59
C HIS B 130 -1.95 -2.46 -6.08
N ILE B 131 -3.18 -2.71 -5.64
CA ILE B 131 -3.59 -2.54 -4.22
C ILE B 131 -2.91 -3.63 -3.36
N PHE B 132 -2.42 -4.71 -3.98
CA PHE B 132 -1.81 -5.86 -3.27
C PHE B 132 -0.34 -5.55 -2.93
N ASN B 133 0.18 -4.42 -3.40
CA ASN B 133 1.58 -3.98 -3.13
C ASN B 133 1.80 -3.85 -1.63
N ASP B 134 0.84 -3.27 -0.89
CA ASP B 134 0.90 -3.10 0.58
C ASP B 134 0.10 -4.23 1.25
N ARG B 135 0.80 -5.22 1.82
CA ARG B 135 0.20 -6.46 2.38
C ARG B 135 -0.50 -6.15 3.71
N SER B 136 -0.18 -4.99 4.29
CA SER B 136 -0.62 -4.60 5.66
C SER B 136 -2.15 -4.49 5.75
N ILE B 137 -2.84 -4.32 4.62
CA ILE B 137 -4.31 -4.04 4.64
C ILE B 137 -5.19 -5.26 4.33
N TRP B 138 -4.69 -6.50 4.38
CA TRP B 138 -5.48 -7.68 3.92
C TRP B 138 -5.87 -8.70 5.02
N CYS B 139 -7.10 -9.18 5.04
CA CYS B 139 -7.46 -10.21 6.02
C CYS B 139 -6.43 -11.32 5.97
N THR B 140 -5.82 -11.62 7.11
CA THR B 140 -4.77 -12.66 7.19
C THR B 140 -5.43 -14.04 7.26
N LYS B 141 -6.75 -14.09 7.34
CA LYS B 141 -7.48 -15.38 7.42
C LYS B 141 -7.91 -15.82 6.02
N CYS B 142 -8.21 -14.86 5.15
CA CYS B 142 -8.68 -15.21 3.79
C CYS B 142 -7.62 -14.88 2.71
N THR B 143 -6.66 -14.02 3.02
CA THR B 143 -5.68 -13.59 2.00
C THR B 143 -4.26 -13.97 2.43
N SER B 144 -3.61 -14.85 1.66
CA SER B 144 -2.22 -15.26 2.00
C SER B 144 -1.29 -14.90 0.84
N PHE B 145 -0.03 -14.61 1.17
CA PHE B 145 0.98 -14.31 0.14
C PHE B 145 2.14 -15.31 0.28
N TYR B 146 2.82 -15.61 -0.83
CA TYR B 146 4.13 -16.30 -0.81
C TYR B 146 5.08 -15.55 0.14
N PRO B 147 5.98 -16.27 0.84
CA PRO B 147 6.97 -15.61 1.69
C PRO B 147 7.82 -14.60 0.92
N PHE B 148 7.96 -14.79 -0.40
CA PHE B 148 8.73 -13.90 -1.31
C PHE B 148 7.99 -12.56 -1.45
N THR B 149 8.63 -11.47 -1.01
CA THR B 149 8.04 -10.11 -1.07
C THR B 149 7.95 -9.63 -2.53
N ASN B 150 8.63 -10.32 -3.45
CA ASN B 150 8.71 -9.90 -4.87
C ASN B 150 7.55 -10.52 -5.67
N ILE B 151 6.79 -11.42 -5.07
CA ILE B 151 5.51 -11.92 -5.68
C ILE B 151 4.34 -11.18 -5.03
N MET B 152 3.78 -10.20 -5.74
CA MET B 152 2.72 -9.32 -5.23
C MET B 152 1.41 -10.12 -5.12
N SER B 153 1.19 -11.04 -6.06
CA SER B 153 -0.11 -11.76 -6.25
C SER B 153 -0.33 -12.73 -5.09
N PRO B 154 -1.54 -12.75 -4.48
CA PRO B 154 -1.84 -13.71 -3.43
C PRO B 154 -1.60 -15.17 -3.88
N ASN B 155 -1.04 -15.99 -2.98
CA ASN B 155 -0.92 -17.46 -3.13
C ASN B 155 -2.32 -18.09 -3.16
N ILE B 156 -2.78 -18.49 -4.36
CA ILE B 156 -4.12 -19.11 -4.63
C ILE B 156 -5.13 -17.98 -4.88
#